data_9PYV
#
_entry.id   9PYV
#
_cell.length_a   32.629
_cell.length_b   63.006
_cell.length_c   126.224
_cell.angle_alpha   90.00
_cell.angle_beta   90.00
_cell.angle_gamma   90.00
#
_symmetry.space_group_name_H-M   'P 21 21 21'
#
loop_
_entity.id
_entity.type
_entity.pdbx_description
1 polymer 'Uracil-DNA glycosylase'
2 non-polymer 'CHLORIDE ION'
3 non-polymer 'SULFATE ION'
4 water water
#
_entity_poly.entity_id   1
_entity_poly.type   'polypeptide(L)'
_entity_poly.pdbx_seq_one_letter_code
;MAHHHHHHTPTLESQFDALPPDWRAILEPFVASDAYAPLCRFVDGERAAGKAIYPADVFRALRLTHPDDVKVVILGQDPY
HGEDRGIPQAHGLAFSVPPGVRPPPSLRNIFKEISADFGYEAPRHGCLDTWASQGVLLLNTVLTVERSSAASHAKRGWEK
CTDTLIHELATRHRHLVFMLWGAHAQAKRALFDPREHCVLEAPHPSPLSAHRGFLGCRHFALANDYLVKHGRAPIDWRLP
DAAETL
;
_entity_poly.pdbx_strand_id   A
#
loop_
_chem_comp.id
_chem_comp.type
_chem_comp.name
_chem_comp.formula
CL non-polymer 'CHLORIDE ION' 'Cl -1'
SO4 non-polymer 'SULFATE ION' 'O4 S -2'
#
# COMPACT_ATOMS: atom_id res chain seq x y z
N THR A 9 -0.12 -14.67 -16.72
CA THR A 9 0.13 -13.34 -16.14
C THR A 9 0.95 -12.49 -17.10
N PRO A 10 0.52 -11.23 -17.33
CA PRO A 10 1.33 -10.33 -18.16
C PRO A 10 2.74 -10.18 -17.63
N THR A 11 3.71 -10.07 -18.54
CA THR A 11 5.07 -9.77 -18.11
C THR A 11 5.09 -8.49 -17.26
N LEU A 12 6.12 -8.37 -16.43
CA LEU A 12 6.19 -7.20 -15.58
C LEU A 12 6.34 -5.93 -16.41
N GLU A 13 7.12 -6.00 -17.50
CA GLU A 13 7.27 -4.82 -18.35
C GLU A 13 5.93 -4.40 -18.93
N SER A 14 5.11 -5.36 -19.33
CA SER A 14 3.81 -5.00 -19.88
C SER A 14 2.93 -4.39 -18.79
N GLN A 15 3.13 -4.78 -17.52
CA GLN A 15 2.36 -4.19 -16.43
C GLN A 15 2.84 -2.77 -16.14
N PHE A 16 4.14 -2.50 -16.24
CA PHE A 16 4.60 -1.11 -16.16
C PHE A 16 4.01 -0.28 -17.31
N ASP A 17 4.05 -0.84 -18.52
CA ASP A 17 3.58 -0.09 -19.69
C ASP A 17 2.09 0.22 -19.61
N ALA A 18 1.31 -0.64 -18.93
CA ALA A 18 -0.13 -0.44 -18.81
C ALA A 18 -0.52 0.63 -17.79
N LEU A 19 0.42 1.14 -17.01
CA LEU A 19 0.08 2.15 -16.02
C LEU A 19 -0.36 3.44 -16.72
N PRO A 20 -1.17 4.26 -16.03
CA PRO A 20 -1.54 5.55 -16.60
C PRO A 20 -0.32 6.42 -16.83
N PRO A 21 -0.40 7.35 -17.78
CA PRO A 21 0.79 8.17 -18.08
C PRO A 21 1.34 8.90 -16.86
N ASP A 22 0.45 9.36 -15.98
CA ASP A 22 0.89 10.07 -14.78
C ASP A 22 1.74 9.18 -13.87
N TRP A 23 1.38 7.90 -13.73
CA TRP A 23 2.23 7.02 -12.94
C TRP A 23 3.52 6.68 -13.70
N ARG A 24 3.44 6.47 -15.02
CA ARG A 24 4.66 6.19 -15.78
C ARG A 24 5.66 7.33 -15.66
N ALA A 25 5.16 8.57 -15.63
CA ALA A 25 6.05 9.72 -15.45
C ALA A 25 6.73 9.69 -14.09
N ILE A 26 5.98 9.32 -13.04
CA ILE A 26 6.56 9.24 -11.70
C ILE A 26 7.58 8.09 -11.61
N LEU A 27 7.38 7.00 -12.33
CA LEU A 27 8.30 5.86 -12.25
C LEU A 27 9.47 5.96 -13.24
N GLU A 28 9.48 6.97 -14.11
CA GLU A 28 10.48 7.02 -15.17
C GLU A 28 11.91 6.97 -14.65
N PRO A 29 12.27 7.59 -13.52
CA PRO A 29 13.67 7.43 -13.06
C PRO A 29 14.03 5.99 -12.82
N PHE A 30 13.07 5.18 -12.36
CA PHE A 30 13.38 3.77 -12.15
C PHE A 30 13.37 2.99 -13.46
N VAL A 31 12.40 3.29 -14.32
CA VAL A 31 12.31 2.55 -15.58
C VAL A 31 13.53 2.83 -16.46
N ALA A 32 14.16 3.99 -16.31
CA ALA A 32 15.33 4.36 -17.07
C ALA A 32 16.62 3.87 -16.43
N SER A 33 16.55 3.30 -15.21
CA SER A 33 17.72 2.90 -14.45
C SER A 33 18.16 1.49 -14.84
N ASP A 34 19.39 1.16 -14.42
CA ASP A 34 19.96 -0.17 -14.61
C ASP A 34 19.25 -1.26 -13.82
N ALA A 35 18.39 -0.91 -12.85
CA ALA A 35 17.69 -1.92 -12.07
C ALA A 35 16.39 -2.41 -12.71
N TYR A 36 15.85 -1.70 -13.70
CA TYR A 36 14.54 -2.04 -14.27
C TYR A 36 14.54 -3.40 -14.98
N ALA A 37 15.40 -3.54 -16.00
CA ALA A 37 15.42 -4.80 -16.74
C ALA A 37 15.70 -6.00 -15.85
N PRO A 38 16.68 -5.96 -14.93
CA PRO A 38 16.89 -7.14 -14.07
C PRO A 38 15.68 -7.49 -13.22
N LEU A 39 14.98 -6.50 -12.64
CA LEU A 39 13.76 -6.79 -11.90
C LEU A 39 12.73 -7.48 -12.78
N CYS A 40 12.50 -6.95 -13.98
CA CYS A 40 11.55 -7.57 -14.91
C CYS A 40 11.95 -9.00 -15.26
N ARG A 41 13.22 -9.24 -15.54
CA ARG A 41 13.63 -10.60 -15.88
C ARG A 41 13.51 -11.53 -14.70
N PHE A 42 13.76 -11.04 -13.49
CA PHE A 42 13.67 -11.90 -12.32
C PHE A 42 12.24 -12.35 -12.07
N VAL A 43 11.32 -11.37 -12.01
CA VAL A 43 9.92 -11.70 -11.74
C VAL A 43 9.36 -12.60 -12.85
N ASP A 44 9.59 -12.20 -14.11
CA ASP A 44 9.13 -13.02 -15.24
C ASP A 44 9.74 -14.41 -15.23
N GLY A 45 11.02 -14.53 -14.85
CA GLY A 45 11.64 -15.86 -14.82
C GLY A 45 11.10 -16.72 -13.70
N GLU A 46 10.80 -16.11 -12.55
CA GLU A 46 10.18 -16.85 -11.46
C GLU A 46 8.83 -17.42 -11.87
N ARG A 47 7.99 -16.59 -12.49
CA ARG A 47 6.71 -17.07 -13.00
C ARG A 47 6.90 -18.15 -14.07
N ALA A 48 7.86 -17.93 -14.99
CA ALA A 48 8.08 -18.89 -16.06
C ALA A 48 8.54 -20.24 -15.53
N ALA A 49 9.27 -20.23 -14.41
CA ALA A 49 9.74 -21.46 -13.79
C ALA A 49 8.66 -22.17 -12.98
N GLY A 50 7.46 -21.60 -12.89
CA GLY A 50 6.35 -22.27 -12.28
C GLY A 50 6.13 -21.92 -10.83
N LYS A 51 6.84 -20.94 -10.32
CA LYS A 51 6.62 -20.52 -8.94
C LYS A 51 5.32 -19.75 -8.82
N ALA A 52 4.69 -19.89 -7.65
CA ALA A 52 3.45 -19.17 -7.35
C ALA A 52 3.82 -17.79 -6.82
N ILE A 53 3.86 -16.83 -7.72
CA ILE A 53 4.22 -15.45 -7.42
C ILE A 53 2.94 -14.65 -7.37
N TYR A 54 2.75 -13.90 -6.29
CA TYR A 54 1.56 -13.10 -6.09
C TYR A 54 1.94 -11.65 -5.87
N PRO A 55 1.02 -10.72 -6.12
CA PRO A 55 -0.26 -10.91 -6.80
C PRO A 55 -0.02 -10.95 -8.30
N ALA A 56 -1.03 -11.28 -9.10
CA ALA A 56 -0.89 -11.18 -10.54
C ALA A 56 -0.93 -9.72 -10.98
N ASP A 57 -1.78 -8.93 -10.33
CA ASP A 57 -1.99 -7.52 -10.66
C ASP A 57 -1.13 -6.68 -9.72
N VAL A 58 0.12 -6.51 -10.13
CA VAL A 58 1.15 -6.02 -9.24
C VAL A 58 0.91 -4.56 -8.86
N PHE A 59 0.34 -3.79 -9.77
CA PHE A 59 0.19 -2.36 -9.57
C PHE A 59 -1.26 -1.96 -9.34
N ARG A 60 -2.06 -2.86 -8.77
CA ARG A 60 -3.48 -2.56 -8.59
CA ARG A 60 -3.48 -2.56 -8.59
C ARG A 60 -3.67 -1.28 -7.80
N ALA A 61 -2.83 -1.05 -6.79
CA ALA A 61 -2.92 0.15 -5.97
C ALA A 61 -2.80 1.41 -6.81
N LEU A 62 -1.90 1.40 -7.80
CA LEU A 62 -1.70 2.54 -8.67
C LEU A 62 -2.82 2.69 -9.68
N ARG A 63 -3.34 1.59 -10.20
CA ARG A 63 -4.45 1.66 -11.14
CA ARG A 63 -4.44 1.71 -11.15
C ARG A 63 -5.69 2.26 -10.49
N LEU A 64 -5.90 1.95 -9.20
CA LEU A 64 -7.12 2.39 -8.52
C LEU A 64 -7.00 3.78 -7.96
N THR A 65 -5.78 4.27 -7.76
CA THR A 65 -5.52 5.58 -7.18
C THR A 65 -4.49 6.30 -8.04
N HIS A 66 -4.96 7.20 -8.93
CA HIS A 66 -4.04 7.94 -9.79
C HIS A 66 -3.36 9.05 -9.03
N PRO A 67 -2.20 9.53 -9.50
CA PRO A 67 -1.41 10.47 -8.68
C PRO A 67 -2.17 11.72 -8.25
N ASP A 68 -2.89 12.37 -9.16
CA ASP A 68 -3.65 13.56 -8.81
C ASP A 68 -4.68 13.32 -7.73
N ASP A 69 -5.13 12.07 -7.57
CA ASP A 69 -6.20 11.69 -6.66
C ASP A 69 -5.68 11.19 -5.32
N VAL A 70 -4.36 11.03 -5.16
CA VAL A 70 -3.80 10.54 -3.92
C VAL A 70 -4.02 11.57 -2.82
N LYS A 71 -4.60 11.11 -1.72
CA LYS A 71 -4.76 11.92 -0.53
C LYS A 71 -3.96 11.39 0.63
N VAL A 72 -3.96 10.08 0.81
CA VAL A 72 -3.34 9.40 1.94
C VAL A 72 -2.46 8.29 1.37
N VAL A 73 -1.24 8.19 1.87
CA VAL A 73 -0.33 7.11 1.49
C VAL A 73 -0.14 6.22 2.72
N ILE A 74 -0.45 4.95 2.57
CA ILE A 74 -0.27 3.97 3.65
C ILE A 74 0.70 2.94 3.13
N LEU A 75 1.86 2.83 3.78
CA LEU A 75 2.88 1.89 3.33
C LEU A 75 2.78 0.55 4.03
N GLY A 76 2.90 -0.52 3.25
CA GLY A 76 3.19 -1.84 3.78
C GLY A 76 4.60 -2.23 3.35
N GLN A 77 5.02 -3.42 3.80
CA GLN A 77 6.35 -3.86 3.40
C GLN A 77 6.20 -4.92 2.30
N ASP A 78 5.99 -6.14 2.67
CA ASP A 78 5.85 -7.19 1.67
C ASP A 78 4.37 -7.55 1.51
N PRO A 79 3.94 -8.04 0.36
CA PRO A 79 2.58 -8.56 0.24
C PRO A 79 2.40 -9.78 1.14
N TYR A 80 1.14 -10.02 1.57
CA TYR A 80 0.83 -11.23 2.30
C TYR A 80 1.31 -12.45 1.55
N HIS A 81 1.87 -13.42 2.26
CA HIS A 81 2.30 -14.65 1.60
C HIS A 81 1.37 -15.80 1.90
N GLY A 82 0.36 -15.58 2.73
CA GLY A 82 -0.54 -16.63 3.15
C GLY A 82 -1.75 -16.74 2.25
N GLU A 83 -2.67 -17.60 2.67
CA GLU A 83 -3.91 -17.84 1.96
C GLU A 83 -4.99 -18.15 2.97
N ASP A 84 -6.23 -18.08 2.50
CA ASP A 84 -7.39 -18.38 3.33
C ASP A 84 -8.36 -19.16 2.47
N ARG A 85 -8.63 -20.41 2.87
CA ARG A 85 -9.51 -21.30 2.11
C ARG A 85 -9.04 -21.42 0.65
N GLY A 86 -7.73 -21.47 0.46
CA GLY A 86 -7.16 -21.60 -0.87
C GLY A 86 -7.16 -20.35 -1.72
N ILE A 87 -7.53 -19.20 -1.18
CA ILE A 87 -7.50 -17.94 -1.91
C ILE A 87 -6.29 -17.14 -1.40
N PRO A 88 -5.36 -16.76 -2.27
CA PRO A 88 -4.21 -15.96 -1.80
C PRO A 88 -4.67 -14.67 -1.14
N GLN A 89 -3.99 -14.32 -0.05
CA GLN A 89 -4.28 -13.07 0.64
C GLN A 89 -3.82 -11.83 -0.12
N ALA A 90 -2.71 -11.90 -0.84
CA ALA A 90 -2.22 -10.74 -1.55
C ALA A 90 -3.02 -10.50 -2.82
N HIS A 91 -3.51 -9.26 -3.01
CA HIS A 91 -4.19 -8.96 -4.26
C HIS A 91 -3.85 -7.57 -4.81
N GLY A 92 -2.74 -6.97 -4.38
CA GLY A 92 -2.20 -5.79 -5.01
C GLY A 92 -2.40 -4.50 -4.25
N LEU A 93 -2.96 -4.57 -3.06
CA LEU A 93 -3.15 -3.42 -2.16
C LEU A 93 -2.53 -3.77 -0.82
N ALA A 94 -1.76 -2.86 -0.25
CA ALA A 94 -1.25 -3.07 1.10
C ALA A 94 -2.39 -3.35 2.09
N PHE A 95 -2.18 -4.34 2.97
CA PHE A 95 -3.04 -4.69 4.10
C PHE A 95 -4.38 -5.31 3.71
N SER A 96 -4.85 -5.01 2.50
CA SER A 96 -6.14 -5.50 2.01
C SER A 96 -6.08 -6.99 1.67
N VAL A 97 -7.24 -7.64 1.76
CA VAL A 97 -7.41 -8.99 1.25
C VAL A 97 -8.61 -9.03 0.32
N PRO A 98 -8.64 -9.94 -0.63
CA PRO A 98 -9.72 -9.95 -1.61
C PRO A 98 -11.00 -10.50 -1.03
N PRO A 99 -12.11 -10.32 -1.74
CA PRO A 99 -13.38 -10.88 -1.26
C PRO A 99 -13.25 -12.38 -1.05
N GLY A 100 -13.79 -12.85 0.07
CA GLY A 100 -13.77 -14.24 0.41
C GLY A 100 -12.64 -14.64 1.34
N VAL A 101 -11.78 -13.69 1.71
CA VAL A 101 -10.64 -13.94 2.58
C VAL A 101 -10.88 -13.18 3.87
N ARG A 102 -10.61 -13.83 4.99
CA ARG A 102 -10.82 -13.17 6.26
C ARG A 102 -9.72 -12.16 6.54
N PRO A 103 -10.02 -11.05 7.22
CA PRO A 103 -8.99 -10.08 7.52
C PRO A 103 -7.92 -10.69 8.40
N PRO A 104 -6.65 -10.53 8.01
CA PRO A 104 -5.54 -11.00 8.85
C PRO A 104 -5.37 -10.12 10.07
N PRO A 105 -4.52 -10.54 11.02
CA PRO A 105 -4.46 -9.84 12.32
C PRO A 105 -4.10 -8.36 12.23
N SER A 106 -3.15 -7.97 11.37
CA SER A 106 -2.81 -6.57 11.24
CA SER A 106 -2.81 -6.56 11.25
C SER A 106 -4.01 -5.76 10.76
N LEU A 107 -4.75 -6.29 9.80
CA LEU A 107 -5.90 -5.56 9.27
C LEU A 107 -7.01 -5.48 10.31
N ARG A 108 -7.19 -6.54 11.10
CA ARG A 108 -8.17 -6.45 12.19
C ARG A 108 -7.82 -5.31 13.15
N ASN A 109 -6.52 -5.09 13.43
CA ASN A 109 -6.16 -3.98 14.32
C ASN A 109 -6.36 -2.63 13.66
N ILE A 110 -6.12 -2.53 12.35
CA ILE A 110 -6.48 -1.31 11.62
C ILE A 110 -7.97 -1.01 11.80
N PHE A 111 -8.80 -2.02 11.61
CA PHE A 111 -10.24 -1.85 11.78
C PHE A 111 -10.62 -1.52 13.23
N LYS A 112 -9.90 -2.09 14.22
CA LYS A 112 -10.19 -1.76 15.60
C LYS A 112 -9.94 -0.28 15.86
N GLU A 113 -8.85 0.27 15.33
CA GLU A 113 -8.57 1.70 15.53
C GLU A 113 -9.64 2.56 14.88
N ILE A 114 -10.08 2.21 13.66
CA ILE A 114 -11.14 2.98 13.01
C ILE A 114 -12.43 2.90 13.82
N SER A 115 -12.79 1.70 14.28
CA SER A 115 -13.98 1.53 15.09
C SER A 115 -13.91 2.37 16.35
N ALA A 116 -12.73 2.46 16.97
CA ALA A 116 -12.65 3.26 18.17
C ALA A 116 -12.65 4.74 17.86
N ASP A 117 -12.00 5.12 16.75
CA ASP A 117 -11.89 6.53 16.39
C ASP A 117 -13.26 7.13 16.09
N PHE A 118 -14.13 6.38 15.40
CA PHE A 118 -15.38 6.90 14.85
C PHE A 118 -16.63 6.19 15.30
N GLY A 119 -16.53 5.04 15.95
CA GLY A 119 -17.68 4.32 16.43
C GLY A 119 -18.26 3.35 15.42
N TYR A 120 -17.63 3.20 14.27
CA TYR A 120 -18.14 2.30 13.25
C TYR A 120 -18.05 0.85 13.71
N GLU A 121 -18.86 -0.01 13.10
CA GLU A 121 -18.76 -1.43 13.44
C GLU A 121 -17.57 -2.06 12.71
N ALA A 122 -17.18 -3.23 13.16
CA ALA A 122 -16.11 -3.96 12.50
C ALA A 122 -16.62 -4.46 11.15
N PRO A 123 -15.90 -4.21 10.06
CA PRO A 123 -16.39 -4.66 8.74
C PRO A 123 -16.50 -6.17 8.65
N ARG A 124 -17.28 -6.62 7.65
CA ARG A 124 -17.56 -8.02 7.33
C ARG A 124 -16.46 -8.70 6.53
N HIS A 125 -15.53 -7.94 5.99
CA HIS A 125 -14.58 -8.41 4.99
C HIS A 125 -13.39 -7.47 5.06
N GLY A 126 -12.38 -7.76 4.25
CA GLY A 126 -11.15 -7.00 4.34
C GLY A 126 -10.68 -6.38 3.04
N CYS A 127 -11.59 -6.21 2.08
CA CYS A 127 -11.24 -5.61 0.80
C CYS A 127 -11.25 -4.09 0.90
N LEU A 128 -10.10 -3.47 0.60
CA LEU A 128 -9.93 -2.03 0.75
C LEU A 128 -10.02 -1.30 -0.59
N ASP A 129 -10.62 -1.92 -1.61
CA ASP A 129 -10.76 -1.28 -2.90
C ASP A 129 -11.43 0.09 -2.78
N THR A 130 -12.44 0.20 -1.93
CA THR A 130 -13.20 1.43 -1.85
C THR A 130 -12.46 2.52 -1.09
N TRP A 131 -11.40 2.19 -0.34
CA TRP A 131 -10.51 3.24 0.14
C TRP A 131 -9.60 3.72 -0.97
N ALA A 132 -9.07 2.81 -1.79
CA ALA A 132 -8.27 3.21 -2.93
C ALA A 132 -9.04 4.15 -3.85
N SER A 133 -10.33 3.88 -4.08
CA SER A 133 -11.07 4.74 -4.98
C SER A 133 -11.34 6.11 -4.40
N GLN A 134 -11.04 6.32 -3.14
CA GLN A 134 -11.20 7.60 -2.49
C GLN A 134 -9.88 8.38 -2.36
N GLY A 135 -8.79 7.84 -2.87
CA GLY A 135 -7.51 8.49 -2.75
C GLY A 135 -6.55 7.90 -1.75
N VAL A 136 -6.84 6.71 -1.19
CA VAL A 136 -5.91 6.08 -0.25
C VAL A 136 -4.99 5.17 -1.06
N LEU A 137 -3.73 5.56 -1.18
CA LEU A 137 -2.73 4.77 -1.90
C LEU A 137 -2.19 3.71 -0.96
N LEU A 138 -2.52 2.45 -1.23
CA LEU A 138 -2.16 1.32 -0.37
C LEU A 138 -0.96 0.64 -1.01
N LEU A 139 0.22 1.13 -0.67
CA LEU A 139 1.45 0.80 -1.39
C LEU A 139 2.33 -0.10 -0.56
N ASN A 140 2.52 -1.34 -0.98
CA ASN A 140 3.57 -2.17 -0.41
C ASN A 140 4.90 -1.72 -1.00
N THR A 141 5.98 -1.72 -0.20
CA THR A 141 7.25 -1.28 -0.74
C THR A 141 7.93 -2.36 -1.57
N VAL A 142 7.55 -3.62 -1.35
CA VAL A 142 7.92 -4.76 -2.17
C VAL A 142 6.63 -5.29 -2.78
N LEU A 143 6.57 -5.42 -4.10
CA LEU A 143 5.27 -5.58 -4.76
C LEU A 143 5.01 -6.99 -5.28
N THR A 144 5.92 -7.94 -5.07
CA THR A 144 5.63 -9.34 -5.29
C THR A 144 6.08 -10.17 -4.09
N VAL A 145 5.55 -11.40 -4.01
CA VAL A 145 5.84 -12.36 -2.96
C VAL A 145 5.73 -13.76 -3.56
N GLU A 146 6.46 -14.70 -2.99
CA GLU A 146 6.29 -16.10 -3.34
C GLU A 146 5.40 -16.79 -2.31
N ARG A 147 4.44 -17.58 -2.79
CA ARG A 147 3.46 -18.20 -1.91
C ARG A 147 4.15 -18.95 -0.77
N SER A 148 3.64 -18.72 0.44
CA SER A 148 3.99 -19.45 1.65
C SER A 148 5.43 -19.19 2.09
N SER A 149 6.14 -18.31 1.42
CA SER A 149 7.51 -17.97 1.79
C SER A 149 7.52 -16.56 2.35
N ALA A 150 8.07 -16.41 3.56
CA ALA A 150 8.18 -15.09 4.18
C ALA A 150 9.35 -14.29 3.63
N ALA A 151 10.27 -14.94 2.93
CA ALA A 151 11.39 -14.23 2.34
C ALA A 151 10.89 -13.13 1.42
N SER A 152 11.49 -11.95 1.53
CA SER A 152 11.14 -10.88 0.61
C SER A 152 11.55 -11.27 -0.79
N HIS A 153 10.69 -10.94 -1.74
CA HIS A 153 10.86 -11.30 -3.14
C HIS A 153 11.40 -10.09 -3.87
N ALA A 154 12.59 -10.21 -4.45
CA ALA A 154 13.17 -9.10 -5.20
C ALA A 154 13.16 -7.80 -4.37
N LYS A 155 13.58 -7.93 -3.10
CA LYS A 155 13.46 -6.81 -2.17
C LYS A 155 14.21 -5.57 -2.67
N ARG A 156 15.46 -5.74 -3.11
CA ARG A 156 16.28 -4.57 -3.42
C ARG A 156 15.80 -3.89 -4.69
N GLY A 157 15.45 -4.68 -5.74
CA GLY A 157 14.90 -4.10 -6.95
C GLY A 157 13.59 -3.37 -6.73
N TRP A 158 12.64 -4.02 -6.03
CA TRP A 158 11.36 -3.36 -5.78
C TRP A 158 11.51 -2.10 -4.96
N GLU A 159 12.41 -2.08 -3.97
CA GLU A 159 12.49 -0.89 -3.12
C GLU A 159 13.13 0.28 -3.85
N LYS A 160 13.96 0.02 -4.85
CA LYS A 160 14.43 1.10 -5.70
C LYS A 160 13.26 1.71 -6.44
N CYS A 161 12.33 0.85 -6.89
CA CYS A 161 11.15 1.30 -7.61
C CYS A 161 10.19 2.10 -6.71
N THR A 162 9.83 1.57 -5.54
CA THR A 162 8.89 2.27 -4.68
C THR A 162 9.54 3.45 -3.97
N ASP A 163 10.88 3.44 -3.79
CA ASP A 163 11.56 4.65 -3.31
C ASP A 163 11.43 5.78 -4.32
N THR A 164 11.63 5.47 -5.61
CA THR A 164 11.41 6.43 -6.67
C THR A 164 9.98 6.93 -6.66
N LEU A 165 9.04 5.99 -6.55
CA LEU A 165 7.62 6.36 -6.54
C LEU A 165 7.33 7.36 -5.42
N ILE A 166 7.75 7.06 -4.20
CA ILE A 166 7.42 7.94 -3.08
C ILE A 166 8.05 9.32 -3.28
N HIS A 167 9.33 9.36 -3.65
CA HIS A 167 9.98 10.66 -3.80
C HIS A 167 9.31 11.49 -4.89
N GLU A 168 9.06 10.90 -6.04
CA GLU A 168 8.53 11.67 -7.16
C GLU A 168 7.09 12.09 -6.90
N LEU A 169 6.29 11.20 -6.32
CA LEU A 169 4.93 11.55 -5.95
C LEU A 169 4.92 12.74 -5.00
N ALA A 170 5.73 12.65 -3.94
CA ALA A 170 5.71 13.66 -2.89
C ALA A 170 6.28 14.99 -3.37
N THR A 171 7.20 14.94 -4.31
CA THR A 171 7.78 16.17 -4.84
C THR A 171 6.78 16.86 -5.77
N ARG A 172 5.99 16.10 -6.51
CA ARG A 172 5.02 16.67 -7.44
C ARG A 172 3.69 17.06 -6.81
N HIS A 173 3.31 16.43 -5.68
CA HIS A 173 2.01 16.64 -5.06
C HIS A 173 2.21 16.96 -3.58
N ARG A 174 1.99 18.22 -3.21
CA ARG A 174 2.14 18.66 -1.84
C ARG A 174 0.91 18.29 -0.99
N HIS A 175 1.12 18.33 0.32
CA HIS A 175 0.07 18.15 1.31
C HIS A 175 -0.58 16.77 1.24
N LEU A 176 0.23 15.75 1.01
CA LEU A 176 -0.26 14.40 1.23
C LEU A 176 -0.25 14.05 2.70
N VAL A 177 -1.06 13.07 3.06
CA VAL A 177 -0.94 12.40 4.36
C VAL A 177 -0.17 11.11 4.19
N PHE A 178 0.89 10.94 4.97
CA PHE A 178 1.63 9.68 5.03
C PHE A 178 1.36 9.03 6.39
N MET A 179 0.79 7.82 6.39
CA MET A 179 0.68 7.00 7.60
C MET A 179 1.81 5.97 7.57
N LEU A 180 2.82 6.17 8.41
CA LEU A 180 4.05 5.37 8.41
C LEU A 180 4.10 4.52 9.67
N TRP A 181 3.85 3.23 9.50
CA TRP A 181 3.65 2.32 10.60
C TRP A 181 4.82 1.36 10.66
N GLY A 182 5.59 1.44 11.73
CA GLY A 182 6.79 0.65 11.87
C GLY A 182 8.02 1.41 11.37
N ALA A 183 9.18 0.96 11.85
CA ALA A 183 10.41 1.68 11.55
C ALA A 183 10.75 1.67 10.06
N HIS A 184 10.47 0.57 9.36
CA HIS A 184 10.82 0.50 7.95
C HIS A 184 10.08 1.56 7.16
N ALA A 185 8.76 1.69 7.40
CA ALA A 185 7.97 2.70 6.73
C ALA A 185 8.37 4.11 7.15
N GLN A 186 8.69 4.31 8.43
CA GLN A 186 9.04 5.63 8.91
C GLN A 186 10.35 6.13 8.32
N ALA A 187 11.26 5.22 7.98
CA ALA A 187 12.52 5.61 7.35
C ALA A 187 12.32 6.19 5.95
N LYS A 188 11.16 6.00 5.36
CA LYS A 188 10.86 6.56 4.06
C LYS A 188 10.70 8.07 4.09
N ARG A 189 10.66 8.67 5.27
CA ARG A 189 10.68 10.13 5.35
C ARG A 189 11.92 10.72 4.73
N ALA A 190 12.99 9.94 4.59
CA ALA A 190 14.20 10.40 3.90
C ALA A 190 13.93 10.80 2.44
N LEU A 191 12.81 10.38 1.90
CA LEU A 191 12.48 10.57 0.50
C LEU A 191 11.64 11.80 0.21
N PHE A 192 11.29 12.58 1.22
CA PHE A 192 10.48 13.76 0.97
C PHE A 192 10.73 14.79 2.04
N ASP A 193 10.04 15.91 1.92
CA ASP A 193 10.11 17.01 2.86
C ASP A 193 8.94 16.93 3.81
N PRO A 194 9.15 16.52 5.06
CA PRO A 194 8.00 16.28 5.94
C PRO A 194 7.25 17.55 6.33
N ARG A 195 7.84 18.74 6.14
CA ARG A 195 7.11 19.99 6.40
C ARG A 195 6.08 20.32 5.33
N GLU A 196 6.10 19.63 4.19
CA GLU A 196 5.17 19.87 3.09
C GLU A 196 3.97 18.93 3.13
N HIS A 197 3.94 18.00 4.08
CA HIS A 197 3.00 16.90 4.14
C HIS A 197 2.60 16.67 5.60
N CYS A 198 1.59 15.84 5.80
CA CYS A 198 1.21 15.39 7.14
C CYS A 198 1.80 14.00 7.37
N VAL A 199 2.82 13.90 8.23
CA VAL A 199 3.46 12.63 8.52
C VAL A 199 2.97 12.10 9.87
N LEU A 200 2.25 10.99 9.82
CA LEU A 200 1.68 10.32 10.97
C LEU A 200 2.47 9.04 11.18
N GLU A 201 3.08 8.90 12.35
CA GLU A 201 3.88 7.73 12.66
C GLU A 201 3.28 6.96 13.82
N ALA A 202 3.37 5.64 13.75
CA ALA A 202 2.97 4.78 14.86
C ALA A 202 3.66 3.44 14.67
N PRO A 203 3.66 2.59 15.70
CA PRO A 203 4.11 1.21 15.50
C PRO A 203 3.25 0.50 14.46
N HIS A 204 3.76 -0.63 13.98
CA HIS A 204 3.03 -1.43 13.01
C HIS A 204 1.80 -2.08 13.65
N PRO A 205 0.70 -2.22 12.90
CA PRO A 205 -0.53 -2.81 13.48
C PRO A 205 -0.49 -4.32 13.69
N SER A 206 0.56 -5.00 13.30
CA SER A 206 0.72 -6.41 13.65
C SER A 206 0.55 -6.63 15.15
N PRO A 207 0.00 -7.74 15.59
CA PRO A 207 -0.13 -7.99 17.05
C PRO A 207 1.15 -7.88 17.85
N LEU A 208 2.30 -8.06 17.19
CA LEU A 208 3.58 -7.98 17.89
C LEU A 208 3.86 -6.57 18.40
N SER A 209 3.36 -5.58 17.70
CA SER A 209 3.64 -4.19 18.02
C SER A 209 2.41 -3.33 18.26
N ALA A 210 1.20 -3.83 17.97
CA ALA A 210 0.05 -2.94 17.95
C ALA A 210 -0.19 -2.27 19.30
N HIS A 211 0.11 -2.95 20.40
CA HIS A 211 -0.21 -2.44 21.74
C HIS A 211 0.86 -1.51 22.29
N ARG A 212 1.88 -1.22 21.50
CA ARG A 212 2.93 -0.25 21.73
CA ARG A 212 2.88 -0.24 21.84
C ARG A 212 2.53 1.16 21.32
N GLY A 213 1.37 1.34 20.73
CA GLY A 213 0.96 2.67 20.32
C GLY A 213 0.23 2.72 18.99
N PHE A 214 0.07 1.60 18.28
CA PHE A 214 -0.80 1.69 17.11
C PHE A 214 -2.25 1.88 17.56
N LEU A 215 -2.70 1.01 18.45
CA LEU A 215 -4.04 1.19 18.99
C LEU A 215 -3.98 2.43 19.88
N GLY A 216 -4.75 3.43 19.50
CA GLY A 216 -4.73 4.71 20.16
C GLY A 216 -4.12 5.84 19.36
N CYS A 217 -3.60 5.57 18.15
CA CYS A 217 -2.83 6.58 17.42
C CYS A 217 -3.71 7.62 16.73
N ARG A 218 -4.99 7.33 16.52
CA ARG A 218 -5.94 8.29 15.96
C ARG A 218 -5.59 8.69 14.54
N HIS A 219 -4.82 7.91 13.81
CA HIS A 219 -4.31 8.40 12.53
C HIS A 219 -5.42 8.72 11.54
N PHE A 220 -6.48 7.90 11.53
CA PHE A 220 -7.55 8.10 10.55
C PHE A 220 -8.30 9.40 10.79
N ALA A 221 -8.47 9.79 12.06
CA ALA A 221 -9.08 11.08 12.35
C ALA A 221 -8.12 12.23 12.07
N LEU A 222 -6.84 12.06 12.44
CA LEU A 222 -5.86 13.11 12.16
C LEU A 222 -5.75 13.38 10.68
N ALA A 223 -5.76 12.32 9.87
CA ALA A 223 -5.66 12.45 8.42
C ALA A 223 -6.81 13.28 7.89
N ASN A 224 -8.01 13.03 8.40
CA ASN A 224 -9.17 13.75 7.87
C ASN A 224 -9.15 15.21 8.29
N ASP A 225 -8.66 15.50 9.50
CA ASP A 225 -8.50 16.90 9.88
C ASP A 225 -7.57 17.63 8.93
N TYR A 226 -6.45 17.00 8.58
CA TYR A 226 -5.50 17.65 7.69
C TYR A 226 -6.07 17.83 6.29
N LEU A 227 -6.78 16.83 5.79
CA LEU A 227 -7.41 16.99 4.49
C LEU A 227 -8.38 18.16 4.48
N VAL A 228 -9.25 18.26 5.49
CA VAL A 228 -10.24 19.34 5.51
C VAL A 228 -9.56 20.69 5.67
N LYS A 229 -8.48 20.73 6.44
CA LYS A 229 -7.70 21.95 6.58
C LYS A 229 -7.22 22.46 5.25
N HIS A 230 -6.91 21.55 4.32
CA HIS A 230 -6.42 21.90 3.00
C HIS A 230 -7.52 21.84 1.95
N GLY A 231 -8.78 21.84 2.37
CA GLY A 231 -9.88 22.01 1.45
C GLY A 231 -10.28 20.76 0.71
N ARG A 232 -9.71 19.61 1.05
CA ARG A 232 -10.02 18.35 0.40
CA ARG A 232 -10.02 18.35 0.41
C ARG A 232 -11.10 17.60 1.18
N ALA A 233 -11.87 16.79 0.46
CA ALA A 233 -12.90 15.99 1.08
C ALA A 233 -12.27 14.89 1.94
N PRO A 234 -12.80 14.64 3.13
CA PRO A 234 -12.22 13.61 4.01
C PRO A 234 -12.53 12.20 3.49
N ILE A 235 -11.76 11.23 3.98
CA ILE A 235 -11.99 9.82 3.67
C ILE A 235 -13.15 9.30 4.50
N ASP A 236 -14.01 8.52 3.85
CA ASP A 236 -15.01 7.69 4.52
C ASP A 236 -14.35 6.35 4.83
N TRP A 237 -13.96 6.15 6.10
CA TRP A 237 -13.18 4.98 6.49
C TRP A 237 -14.05 3.75 6.73
N ARG A 238 -15.35 3.86 6.51
CA ARG A 238 -16.22 2.70 6.50
C ARG A 238 -15.87 1.81 5.32
N LEU A 239 -16.38 0.59 5.33
CA LEU A 239 -16.34 -0.23 4.13
C LEU A 239 -17.77 -0.64 3.77
N PRO A 240 -18.11 -0.72 2.48
CA PRO A 240 -19.46 -1.15 2.11
C PRO A 240 -19.68 -2.59 2.55
N ASP A 241 -20.96 -3.00 2.65
CA ASP A 241 -21.25 -4.28 3.30
C ASP A 241 -20.72 -5.47 2.51
N ALA A 242 -20.68 -5.38 1.17
CA ALA A 242 -20.14 -6.44 0.34
C ALA A 242 -18.92 -5.93 -0.42
N ALA A 243 -18.01 -6.85 -0.73
CA ALA A 243 -16.79 -6.53 -1.47
C ALA A 243 -16.94 -6.77 -2.98
CL CL B . -1.53 5.82 -22.62
CL CL C . 20.30 1.13 -10.23
CL CL D . 7.57 14.44 -16.65
S SO4 E . -11.49 16.43 -3.45
O1 SO4 E . -10.76 16.99 -2.28
O2 SO4 E . -12.57 17.39 -3.89
O3 SO4 E . -10.47 16.17 -4.52
O4 SO4 E . -12.18 15.14 -3.13
S SO4 F . -3.91 -8.47 19.05
O1 SO4 F . -3.06 -9.41 19.87
O2 SO4 F . -4.98 -7.92 19.95
O3 SO4 F . -3.06 -7.34 18.56
O4 SO4 F . -4.52 -9.20 17.88
S SO4 G . -0.28 -10.34 9.66
O1 SO4 G . 0.31 -10.05 11.02
O2 SO4 G . 0.68 -9.90 8.57
O3 SO4 G . -0.64 -11.79 9.51
O4 SO4 G . -1.54 -9.56 9.56
S SO4 H . 14.45 13.38 9.59
O1 SO4 H . 15.83 13.90 9.32
O2 SO4 H . 14.06 12.41 8.51
O3 SO4 H . 14.45 12.74 10.95
O4 SO4 H . 13.49 14.55 9.61
S SO4 I . -10.74 -5.04 -11.02
O1 SO4 I . -9.40 -5.67 -11.25
O2 SO4 I . -11.56 -5.17 -12.28
O3 SO4 I . -11.44 -5.76 -9.91
O4 SO4 I . -10.60 -3.58 -10.68
S SO4 J . 17.40 -9.08 -4.00
O1 SO4 J . 17.85 -8.08 -5.01
O2 SO4 J . 18.54 -9.98 -3.59
O3 SO4 J . 16.33 -9.95 -4.59
O4 SO4 J . 16.87 -8.30 -2.82
S SO4 K . 7.64 15.55 11.77
O1 SO4 K . 9.13 15.66 11.68
O2 SO4 K . 6.99 15.54 10.40
O3 SO4 K . 7.32 14.25 12.45
O4 SO4 K . 7.12 16.71 12.56
S SO4 L . -5.55 -15.79 12.53
O1 SO4 L . -4.45 -15.62 11.53
O2 SO4 L . -6.83 -15.23 11.95
O3 SO4 L . -5.21 -15.07 13.80
O4 SO4 L . -5.73 -17.25 12.83
#